data_1DAK
#
_entry.id   1DAK
#
_cell.length_a   72.680
_cell.length_b   48.190
_cell.length_c   61.070
_cell.angle_alpha   90.00
_cell.angle_beta   106.58
_cell.angle_gamma   90.00
#
_symmetry.space_group_name_H-M   'C 1 2 1'
#
loop_
_entity.id
_entity.type
_entity.pdbx_description
1 polymer 'DETHIOBIOTIN SYNTHETASE'
2 non-polymer 'PHOSPHATE ION'
3 non-polymer 'MAGNESIUM ION'
4 non-polymer 'MIXED CARBAMIC PHOSPHORIC ACID ANHYDRIDE OF 7,8-DIAMINONONANIC ACID'
5 non-polymer "ADENOSINE-5'-DIPHOSPHATE"
6 water water
#
_entity_poly.entity_id   1
_entity_poly.type   'polypeptide(L)'
_entity_poly.pdbx_seq_one_letter_code
;SKRYFVTGTDTEVGKTVASCALLQAAKAAGYRTAGYKPVASGSEKTPEGLRNSDALALQRNSSLQLDYATVNPYTFAEPT
SPHIISAQEGRPIESLVMSAGLRALEQQADWVLVEGAGGWFTPLSDTFTFADWVTQEQLPVILVVGVKLGCINHAMLTAQ
VIQHAGLTLAGWVANDVTPPGKRHAEYMTTLTRMIPAPLLGEIPWLAENPENAATGKYINLALL
;
_entity_poly.pdbx_strand_id   A
#
loop_
_chem_comp.id
_chem_comp.type
_chem_comp.name
_chem_comp.formula
ADP non-polymer ADENOSINE-5'-DIPHOSPHATE 'C10 H15 N5 O10 P2'
DPU non-polymer 'MIXED CARBAMIC PHOSPHORIC ACID ANHYDRIDE OF 7,8-DIAMINONONANIC ACID' 'C10 H21 N2 O7 P'
MG non-polymer 'MAGNESIUM ION' 'Mg 2'
PO4 non-polymer 'PHOSPHATE ION' 'O4 P -3'
#
# COMPACT_ATOMS: atom_id res chain seq x y z
N SER A 1 -10.82 -15.75 0.80
CA SER A 1 -9.48 -15.46 1.36
C SER A 1 -9.34 -13.99 1.77
N LYS A 2 -8.34 -13.72 2.61
CA LYS A 2 -8.11 -12.38 3.14
C LYS A 2 -7.46 -11.44 2.14
N ARG A 3 -7.97 -10.22 2.08
CA ARG A 3 -7.49 -9.21 1.15
C ARG A 3 -7.49 -7.83 1.82
N TYR A 4 -6.46 -7.01 1.63
CA TYR A 4 -6.37 -5.72 2.26
C TYR A 4 -5.82 -4.70 1.25
N PHE A 5 -6.32 -3.47 1.29
CA PHE A 5 -5.78 -2.43 0.43
C PHE A 5 -4.95 -1.49 1.32
N VAL A 6 -3.70 -1.27 0.96
CA VAL A 6 -2.84 -0.37 1.73
C VAL A 6 -2.76 1.00 1.07
N THR A 7 -3.20 2.01 1.82
CA THR A 7 -3.10 3.40 1.38
C THR A 7 -2.21 4.15 2.35
N GLY A 8 -1.91 5.40 2.06
CA GLY A 8 -1.03 6.22 2.88
C GLY A 8 -1.57 7.64 3.00
N THR A 9 -0.97 8.37 3.96
CA THR A 9 -1.32 9.77 4.18
C THR A 9 -0.84 10.65 3.04
N ASP A 10 0.07 10.14 2.22
CA ASP A 10 0.59 10.82 1.04
C ASP A 10 1.43 9.81 0.25
N THR A 11 2.07 10.26 -0.82
CA THR A 11 3.08 9.43 -1.47
C THR A 11 4.33 9.65 -0.63
N GLU A 12 5.31 8.78 -0.64
CA GLU A 12 6.56 8.86 0.09
C GLU A 12 6.44 8.89 1.59
N VAL A 13 5.56 8.08 2.18
CA VAL A 13 5.34 8.01 3.62
C VAL A 13 5.63 6.64 4.22
N GLY A 14 5.81 5.63 3.40
CA GLY A 14 6.08 4.28 3.88
C GLY A 14 5.11 3.19 3.50
N LYS A 15 4.22 3.38 2.53
CA LYS A 15 3.28 2.33 2.15
C LYS A 15 4.06 1.06 1.80
N THR A 16 5.12 1.17 1.02
CA THR A 16 5.85 0.00 0.52
C THR A 16 6.60 -0.65 1.68
N VAL A 17 7.28 0.14 2.50
CA VAL A 17 7.98 -0.48 3.65
C VAL A 17 6.99 -1.17 4.58
N ALA A 18 5.88 -0.52 4.91
CA ALA A 18 4.85 -1.11 5.76
C ALA A 18 4.20 -2.33 5.12
N SER A 19 3.99 -2.30 3.80
CA SER A 19 3.41 -3.43 3.10
C SER A 19 4.33 -4.66 3.17
N CYS A 20 5.64 -4.43 3.08
CA CYS A 20 6.58 -5.55 3.20
C CYS A 20 6.52 -6.10 4.62
N ALA A 21 6.38 -5.23 5.63
CA ALA A 21 6.29 -5.69 7.02
C ALA A 21 5.03 -6.53 7.21
N LEU A 22 3.91 -6.06 6.66
CA LEU A 22 2.65 -6.79 6.71
C LEU A 22 2.77 -8.15 6.04
N LEU A 23 3.36 -8.20 4.85
CA LEU A 23 3.55 -9.46 4.14
C LEU A 23 4.43 -10.43 4.94
N GLN A 24 5.52 -9.94 5.51
CA GLN A 24 6.38 -10.78 6.36
C GLN A 24 5.62 -11.34 7.55
N ALA A 25 4.81 -10.51 8.22
CA ALA A 25 4.03 -10.98 9.37
C ALA A 25 3.03 -12.05 8.94
N ALA A 26 2.37 -11.87 7.79
CA ALA A 26 1.40 -12.85 7.29
C ALA A 26 2.08 -14.18 6.97
N LYS A 27 3.28 -14.12 6.38
CA LYS A 27 4.03 -15.34 6.10
C LYS A 27 4.38 -16.03 7.41
N ALA A 28 4.80 -15.28 8.42
CA ALA A 28 5.14 -15.88 9.72
C ALA A 28 3.94 -16.56 10.37
N ALA A 29 2.74 -16.08 10.11
CA ALA A 29 1.48 -16.60 10.59
C ALA A 29 1.02 -17.84 9.83
N GLY A 30 1.67 -18.21 8.73
CA GLY A 30 1.35 -19.39 7.97
C GLY A 30 0.53 -19.19 6.72
N TYR A 31 0.30 -17.94 6.31
CA TYR A 31 -0.46 -17.68 5.10
C TYR A 31 0.40 -17.84 3.85
N ARG A 32 -0.30 -18.04 2.74
CA ARG A 32 0.29 -18.14 1.40
C ARG A 32 0.06 -16.73 0.81
N THR A 33 1.08 -15.91 0.88
CA THR A 33 0.88 -14.48 0.62
C THR A 33 1.27 -14.04 -0.79
N ALA A 34 0.65 -12.90 -1.15
CA ALA A 34 0.93 -12.26 -2.42
C ALA A 34 0.70 -10.74 -2.26
N GLY A 35 1.67 -9.99 -2.78
CA GLY A 35 1.53 -8.52 -2.81
C GLY A 35 1.08 -8.16 -4.24
N TYR A 36 0.29 -7.11 -4.35
CA TYR A 36 -0.23 -6.67 -5.65
C TYR A 36 -0.09 -5.16 -5.74
N LYS A 37 0.58 -4.67 -6.77
CA LYS A 37 0.69 -3.22 -7.02
C LYS A 37 0.14 -3.04 -8.43
N PRO A 38 -1.17 -2.97 -8.60
CA PRO A 38 -1.78 -2.96 -9.92
C PRO A 38 -1.31 -1.84 -10.83
N VAL A 39 -1.10 -0.66 -10.25
CA VAL A 39 -0.67 0.50 -11.04
C VAL A 39 0.58 1.10 -10.40
N ALA A 40 1.63 1.30 -11.22
CA ALA A 40 2.87 1.87 -10.72
C ALA A 40 3.45 2.85 -11.75
N SER A 41 3.95 3.97 -11.26
CA SER A 41 4.60 4.97 -12.10
C SER A 41 5.98 5.27 -11.48
N GLY A 42 7.00 5.39 -12.30
CA GLY A 42 8.35 5.65 -11.76
C GLY A 42 9.07 4.29 -11.80
N SER A 43 9.45 3.90 -13.01
CA SER A 43 10.03 2.58 -13.25
C SER A 43 11.25 2.63 -14.14
N GLU A 44 12.12 1.61 -13.96
CA GLU A 44 13.38 1.53 -14.68
C GLU A 44 13.35 0.49 -15.80
N LYS A 45 14.12 0.78 -16.85
CA LYS A 45 14.21 -0.10 -18.00
C LYS A 45 15.09 -1.30 -17.65
N THR A 46 14.68 -2.47 -18.11
CA THR A 46 15.41 -3.73 -18.02
C THR A 46 15.19 -4.46 -19.34
N PRO A 47 15.90 -5.56 -19.56
CA PRO A 47 15.74 -6.36 -20.77
C PRO A 47 14.36 -6.95 -20.93
N GLU A 48 13.60 -7.12 -19.86
CA GLU A 48 12.27 -7.67 -19.85
C GLU A 48 11.18 -6.61 -19.97
N GLY A 49 11.59 -5.35 -19.91
CA GLY A 49 10.63 -4.24 -19.91
C GLY A 49 10.80 -3.40 -18.65
N LEU A 50 9.86 -2.51 -18.40
CA LEU A 50 9.92 -1.62 -17.24
C LEU A 50 9.66 -2.40 -15.95
N ARG A 51 10.41 -2.04 -14.90
CA ARG A 51 10.26 -2.68 -13.60
C ARG A 51 10.20 -1.61 -12.52
N ASN A 52 9.16 -1.63 -11.69
CA ASN A 52 8.98 -0.66 -10.61
C ASN A 52 9.51 -1.21 -9.30
N SER A 53 10.21 -0.40 -8.51
CA SER A 53 10.80 -0.85 -7.25
C SER A 53 9.80 -1.24 -6.19
N ASP A 54 8.64 -0.58 -6.10
CA ASP A 54 7.61 -0.99 -5.14
C ASP A 54 7.15 -2.40 -5.47
N ALA A 55 6.83 -2.63 -6.75
CA ALA A 55 6.39 -3.93 -7.23
C ALA A 55 7.43 -5.01 -6.98
N LEU A 56 8.70 -4.69 -7.25
CA LEU A 56 9.77 -5.66 -6.93
C LEU A 56 9.80 -5.96 -5.44
N ALA A 57 9.65 -4.96 -4.56
CA ALA A 57 9.66 -5.22 -3.12
C ALA A 57 8.52 -6.12 -2.70
N LEU A 58 7.31 -5.90 -3.23
CA LEU A 58 6.15 -6.73 -2.93
C LEU A 58 6.33 -8.15 -3.47
N GLN A 59 6.94 -8.28 -4.64
CA GLN A 59 7.21 -9.59 -5.22
C GLN A 59 8.18 -10.37 -4.35
N ARG A 60 9.25 -9.73 -3.92
CA ARG A 60 10.28 -10.37 -3.09
C ARG A 60 9.75 -10.72 -1.70
N ASN A 61 8.76 -9.97 -1.23
CA ASN A 61 8.24 -10.23 0.11
C ASN A 61 7.03 -11.14 0.11
N SER A 62 6.63 -11.70 -1.04
CA SER A 62 5.53 -12.64 -1.11
C SER A 62 6.06 -14.04 -0.79
N SER A 63 5.25 -14.89 -0.16
CA SER A 63 5.76 -16.23 0.19
C SER A 63 5.77 -17.09 -1.06
N LEU A 64 4.88 -16.78 -1.98
CA LEU A 64 4.79 -17.48 -3.25
C LEU A 64 5.75 -16.84 -4.26
N GLN A 65 6.20 -17.66 -5.20
CA GLN A 65 7.06 -17.20 -6.28
C GLN A 65 6.11 -16.69 -7.38
N LEU A 66 6.05 -15.39 -7.58
CA LEU A 66 5.11 -14.79 -8.51
C LEU A 66 5.82 -14.13 -9.69
N ASP A 67 5.18 -14.17 -10.85
CA ASP A 67 5.76 -13.50 -12.02
C ASP A 67 5.53 -11.99 -11.87
N TYR A 68 6.44 -11.19 -12.35
CA TYR A 68 6.36 -9.74 -12.23
C TYR A 68 5.04 -9.17 -12.71
N ALA A 69 4.58 -9.54 -13.91
CA ALA A 69 3.33 -8.98 -14.42
C ALA A 69 2.12 -9.31 -13.57
N THR A 70 2.15 -10.41 -12.82
CA THR A 70 1.06 -10.76 -11.94
C THR A 70 1.03 -9.82 -10.73
N VAL A 71 2.19 -9.33 -10.31
CA VAL A 71 2.26 -8.38 -9.20
C VAL A 71 1.92 -6.98 -9.68
N ASN A 72 2.35 -6.64 -10.89
CA ASN A 72 2.14 -5.29 -11.40
C ASN A 72 1.83 -5.23 -12.88
N PRO A 73 0.56 -5.36 -13.23
CA PRO A 73 0.12 -5.32 -14.62
C PRO A 73 0.39 -4.01 -15.33
N TYR A 74 0.24 -2.86 -14.67
CA TYR A 74 0.43 -1.57 -15.33
C TYR A 74 1.68 -0.86 -14.82
N THR A 75 2.70 -0.74 -15.68
CA THR A 75 3.96 -0.12 -15.31
C THR A 75 4.28 1.05 -16.23
N PHE A 76 4.51 2.23 -15.63
CA PHE A 76 4.84 3.44 -16.39
C PHE A 76 6.21 3.91 -15.95
N ALA A 77 7.03 4.40 -16.89
CA ALA A 77 8.37 4.85 -16.53
C ALA A 77 8.42 6.12 -15.70
N GLU A 78 7.64 7.13 -16.06
CA GLU A 78 7.70 8.42 -15.39
C GLU A 78 6.95 8.44 -14.08
N PRO A 79 7.60 8.97 -13.04
CA PRO A 79 7.05 9.09 -11.71
C PRO A 79 6.12 10.27 -11.51
N THR A 80 4.94 10.21 -12.11
CA THR A 80 3.93 11.25 -12.01
C THR A 80 2.59 10.63 -11.66
N SER A 81 1.49 11.36 -11.67
CA SER A 81 0.18 10.74 -11.40
C SER A 81 -0.14 9.77 -12.54
N PRO A 82 -0.61 8.58 -12.21
CA PRO A 82 -0.91 7.55 -13.21
C PRO A 82 -1.76 8.05 -14.35
N HIS A 83 -2.81 8.84 -14.08
CA HIS A 83 -3.67 9.32 -15.15
C HIS A 83 -2.93 10.15 -16.20
N ILE A 84 -1.96 10.94 -15.77
CA ILE A 84 -1.21 11.80 -16.68
C ILE A 84 -0.34 10.99 -17.63
N ILE A 85 0.46 10.06 -17.09
CA ILE A 85 1.33 9.25 -17.94
C ILE A 85 0.51 8.26 -18.75
N SER A 86 -0.58 7.76 -18.21
CA SER A 86 -1.47 6.87 -18.95
C SER A 86 -2.04 7.56 -20.19
N ALA A 87 -2.51 8.80 -20.04
CA ALA A 87 -3.07 9.52 -21.20
C ALA A 87 -2.01 9.85 -22.23
N GLN A 88 -0.82 10.25 -21.80
CA GLN A 88 0.25 10.59 -22.71
C GLN A 88 0.74 9.39 -23.52
N GLU A 89 0.78 8.20 -22.89
CA GLU A 89 1.24 7.03 -23.61
C GLU A 89 0.13 6.30 -24.34
N GLY A 90 -1.12 6.68 -24.14
CA GLY A 90 -2.27 6.06 -24.78
C GLY A 90 -2.48 4.63 -24.28
N ARG A 91 -2.25 4.42 -23.00
CA ARG A 91 -2.43 3.12 -22.36
C ARG A 91 -3.43 3.27 -21.22
N PRO A 92 -4.70 3.11 -21.52
CA PRO A 92 -5.76 3.25 -20.53
C PRO A 92 -5.62 2.27 -19.38
N ILE A 93 -5.90 2.75 -18.18
CA ILE A 93 -5.90 1.92 -16.98
C ILE A 93 -7.34 1.49 -16.74
N GLU A 94 -7.61 0.20 -16.92
CA GLU A 94 -8.96 -0.32 -16.81
C GLU A 94 -9.24 -1.02 -15.50
N SER A 95 -10.33 -0.62 -14.85
CA SER A 95 -10.79 -1.26 -13.62
C SER A 95 -10.90 -2.77 -13.76
N LEU A 96 -11.48 -3.27 -14.84
CA LEU A 96 -11.62 -4.70 -15.07
C LEU A 96 -10.31 -5.45 -15.10
N VAL A 97 -9.24 -4.88 -15.66
CA VAL A 97 -7.92 -5.49 -15.71
C VAL A 97 -7.32 -5.54 -14.32
N MET A 98 -7.47 -4.42 -13.58
CA MET A 98 -6.99 -4.40 -12.19
C MET A 98 -7.68 -5.46 -11.35
N SER A 99 -9.00 -5.61 -11.50
CA SER A 99 -9.76 -6.62 -10.76
C SER A 99 -9.39 -8.02 -11.19
N ALA A 100 -9.19 -8.24 -12.50
CA ALA A 100 -8.80 -9.57 -12.97
C ALA A 100 -7.46 -9.98 -12.36
N GLY A 101 -6.54 -9.04 -12.21
CA GLY A 101 -5.23 -9.33 -11.62
C GLY A 101 -5.37 -9.74 -10.16
N LEU A 102 -6.29 -9.12 -9.43
CA LEU A 102 -6.51 -9.50 -8.03
C LEU A 102 -7.09 -10.91 -7.97
N ARG A 103 -8.06 -11.23 -8.81
CA ARG A 103 -8.60 -12.59 -8.86
C ARG A 103 -7.52 -13.60 -9.19
N ALA A 104 -6.60 -13.28 -10.10
CA ALA A 104 -5.54 -14.21 -10.49
C ALA A 104 -4.63 -14.52 -9.32
N LEU A 105 -4.33 -13.52 -8.47
CA LEU A 105 -3.52 -13.78 -7.28
C LEU A 105 -4.27 -14.64 -6.28
N GLU A 106 -5.57 -14.45 -6.15
CA GLU A 106 -6.40 -15.27 -5.26
C GLU A 106 -6.48 -16.73 -5.71
N GLN A 107 -6.03 -17.09 -6.91
CA GLN A 107 -5.95 -18.45 -7.38
C GLN A 107 -4.92 -19.24 -6.55
N GLN A 108 -3.83 -18.60 -6.12
CA GLN A 108 -2.81 -19.29 -5.35
C GLN A 108 -2.57 -18.75 -3.95
N ALA A 109 -2.95 -17.52 -3.63
CA ALA A 109 -2.69 -16.99 -2.30
C ALA A 109 -3.93 -16.90 -1.43
N ASP A 110 -3.80 -17.05 -0.11
CA ASP A 110 -4.97 -16.94 0.76
C ASP A 110 -4.87 -15.66 1.60
N TRP A 111 -3.91 -14.82 1.27
CA TRP A 111 -3.72 -13.54 1.98
C TRP A 111 -3.09 -12.58 0.97
N VAL A 112 -3.88 -11.62 0.49
CA VAL A 112 -3.37 -10.73 -0.56
C VAL A 112 -3.35 -9.30 -0.05
N LEU A 113 -2.23 -8.63 -0.27
CA LEU A 113 -2.08 -7.22 0.10
C LEU A 113 -1.98 -6.40 -1.18
N VAL A 114 -2.81 -5.39 -1.33
CA VAL A 114 -2.77 -4.53 -2.52
C VAL A 114 -2.24 -3.16 -2.14
N GLU A 115 -1.15 -2.73 -2.74
CA GLU A 115 -0.62 -1.40 -2.43
C GLU A 115 -1.15 -0.41 -3.47
N GLY A 116 -1.70 0.69 -2.98
CA GLY A 116 -2.18 1.74 -3.90
C GLY A 116 -0.99 2.54 -4.42
N ALA A 117 -1.31 3.65 -5.09
CA ALA A 117 -0.27 4.55 -5.60
C ALA A 117 -0.62 5.94 -5.08
N GLY A 118 0.37 6.61 -4.52
CA GLY A 118 0.13 7.91 -3.90
C GLY A 118 -0.82 7.74 -2.73
N GLY A 119 -1.72 8.69 -2.56
CA GLY A 119 -2.72 8.66 -1.51
C GLY A 119 -4.06 8.13 -1.98
N TRP A 120 -5.10 8.35 -1.18
CA TRP A 120 -6.41 7.82 -1.44
C TRP A 120 -7.04 8.16 -2.79
N PHE A 121 -7.01 9.45 -3.16
CA PHE A 121 -7.69 9.89 -4.37
C PHE A 121 -6.84 9.98 -5.61
N THR A 122 -5.70 9.33 -5.69
CA THR A 122 -4.89 9.37 -6.91
C THR A 122 -5.70 9.00 -8.14
N PRO A 123 -5.71 9.87 -9.16
CA PRO A 123 -6.48 9.60 -10.37
C PRO A 123 -5.85 8.53 -11.26
N LEU A 124 -6.69 7.71 -11.88
CA LEU A 124 -6.24 6.68 -12.82
C LEU A 124 -6.61 7.04 -14.26
N SER A 125 -7.65 7.86 -14.40
CA SER A 125 -8.09 8.43 -15.67
C SER A 125 -8.69 9.80 -15.33
N ASP A 126 -9.22 10.51 -16.33
CA ASP A 126 -9.88 11.77 -16.03
C ASP A 126 -11.23 11.60 -15.36
N THR A 127 -11.80 10.39 -15.25
CA THR A 127 -13.07 10.16 -14.62
C THR A 127 -13.03 9.04 -13.57
N PHE A 128 -11.85 8.54 -13.24
CA PHE A 128 -11.75 7.39 -12.33
C PHE A 128 -10.54 7.55 -11.41
N THR A 129 -10.76 7.34 -10.10
CA THR A 129 -9.64 7.44 -9.17
C THR A 129 -9.36 6.07 -8.56
N PHE A 130 -8.23 5.93 -7.87
CA PHE A 130 -7.95 4.67 -7.17
C PHE A 130 -9.05 4.37 -6.15
N ALA A 131 -9.56 5.40 -5.48
CA ALA A 131 -10.64 5.24 -4.51
C ALA A 131 -11.88 4.59 -5.12
N ASP A 132 -12.18 4.91 -6.37
CA ASP A 132 -13.32 4.28 -7.05
C ASP A 132 -13.12 2.78 -7.16
N TRP A 133 -11.92 2.34 -7.54
CA TRP A 133 -11.65 0.90 -7.66
C TRP A 133 -11.73 0.20 -6.30
N VAL A 134 -11.14 0.79 -5.26
CA VAL A 134 -11.17 0.16 -3.93
C VAL A 134 -12.62 0.02 -3.47
N THR A 135 -13.43 1.04 -3.74
CA THR A 135 -14.85 1.01 -3.41
C THR A 135 -15.56 -0.09 -4.17
N GLN A 136 -15.27 -0.25 -5.46
CA GLN A 136 -15.86 -1.31 -6.27
C GLN A 136 -15.54 -2.69 -5.70
N GLU A 137 -14.28 -2.90 -5.35
CA GLU A 137 -13.82 -4.17 -4.80
C GLU A 137 -14.20 -4.38 -3.35
N GLN A 138 -14.62 -3.33 -2.65
CA GLN A 138 -15.04 -3.41 -1.26
C GLN A 138 -13.93 -3.96 -0.37
N LEU A 139 -12.69 -3.53 -0.63
CA LEU A 139 -11.56 -3.98 0.15
C LEU A 139 -11.45 -3.24 1.48
N PRO A 140 -11.11 -3.97 2.54
CA PRO A 140 -10.83 -3.37 3.84
C PRO A 140 -9.51 -2.62 3.70
N VAL A 141 -9.42 -1.42 4.30
CA VAL A 141 -8.27 -0.56 4.06
C VAL A 141 -7.34 -0.44 5.26
N ILE A 142 -6.04 -0.47 5.01
CA ILE A 142 -5.02 -0.27 6.04
C ILE A 142 -4.35 1.07 5.75
N LEU A 143 -4.32 1.98 6.73
CA LEU A 143 -3.73 3.30 6.51
C LEU A 143 -2.30 3.41 7.04
N VAL A 144 -1.35 3.73 6.16
CA VAL A 144 0.03 3.91 6.59
C VAL A 144 0.23 5.39 6.88
N VAL A 145 0.62 5.71 8.11
CA VAL A 145 0.84 7.09 8.52
C VAL A 145 2.33 7.35 8.68
N GLY A 146 2.88 8.20 7.83
CA GLY A 146 4.29 8.60 7.96
C GLY A 146 4.30 9.64 9.11
N VAL A 147 4.97 9.31 10.22
CA VAL A 147 4.94 10.21 11.37
C VAL A 147 5.81 11.43 11.17
N LYS A 148 5.12 12.57 10.95
CA LYS A 148 5.77 13.85 10.72
C LYS A 148 4.74 14.97 10.88
N LEU A 149 5.23 16.21 10.93
CA LEU A 149 4.32 17.34 11.09
C LEU A 149 3.32 17.36 9.95
N GLY A 150 2.04 17.43 10.26
CA GLY A 150 0.99 17.45 9.26
C GLY A 150 0.33 16.08 9.09
N CYS A 151 0.88 15.03 9.72
CA CYS A 151 0.31 13.70 9.56
C CYS A 151 -1.02 13.50 10.27
N ILE A 152 -1.31 14.28 11.32
CA ILE A 152 -2.58 14.14 12.02
C ILE A 152 -3.73 14.50 11.08
N ASN A 153 -3.62 15.67 10.45
CA ASN A 153 -4.61 16.14 9.49
C ASN A 153 -4.77 15.13 8.34
N HIS A 154 -3.65 14.71 7.74
CA HIS A 154 -3.78 13.75 6.63
C HIS A 154 -4.41 12.43 7.05
N ALA A 155 -4.06 11.94 8.24
CA ALA A 155 -4.67 10.69 8.71
C ALA A 155 -6.16 10.84 8.92
N MET A 156 -6.59 11.95 9.53
CA MET A 156 -8.00 12.20 9.80
C MET A 156 -8.82 12.39 8.53
N LEU A 157 -8.25 13.11 7.55
CA LEU A 157 -8.93 13.33 6.27
C LEU A 157 -9.16 11.97 5.59
N THR A 158 -8.09 11.18 5.51
CA THR A 158 -8.16 9.89 4.84
C THR A 158 -9.15 8.97 5.55
N ALA A 159 -9.07 8.86 6.87
CA ALA A 159 -10.00 8.01 7.61
C ALA A 159 -11.45 8.44 7.39
N GLN A 160 -11.74 9.75 7.43
CA GLN A 160 -13.11 10.22 7.23
C GLN A 160 -13.65 9.88 5.85
N VAL A 161 -12.83 10.09 4.81
CA VAL A 161 -13.29 9.79 3.44
C VAL A 161 -13.52 8.31 3.22
N ILE A 162 -12.67 7.45 3.79
CA ILE A 162 -12.83 6.01 3.67
C ILE A 162 -14.16 5.59 4.28
N GLN A 163 -14.44 6.08 5.50
CA GLN A 163 -15.67 5.73 6.18
C GLN A 163 -16.89 6.24 5.43
N HIS A 164 -16.80 7.40 4.80
CA HIS A 164 -17.92 7.99 4.03
C HIS A 164 -18.27 7.08 2.85
N ALA A 165 -17.26 6.50 2.23
CA ALA A 165 -17.44 5.60 1.10
C ALA A 165 -18.09 4.29 1.51
N GLY A 166 -18.30 4.05 2.80
CA GLY A 166 -18.93 2.85 3.29
C GLY A 166 -17.92 1.72 3.44
N LEU A 167 -16.62 2.03 3.36
CA LEU A 167 -15.59 1.03 3.47
C LEU A 167 -15.12 0.87 4.92
N THR A 168 -14.47 -0.25 5.20
CA THR A 168 -13.94 -0.55 6.51
C THR A 168 -12.48 -0.12 6.63
N LEU A 169 -12.18 0.69 7.64
CA LEU A 169 -10.78 1.04 7.92
C LEU A 169 -10.29 -0.05 8.89
N ALA A 170 -9.59 -1.05 8.38
CA ALA A 170 -9.17 -2.21 9.13
C ALA A 170 -8.07 -1.95 10.15
N GLY A 171 -7.27 -0.92 9.93
CA GLY A 171 -6.19 -0.64 10.89
C GLY A 171 -5.26 0.41 10.30
N TRP A 172 -4.26 0.79 11.11
CA TRP A 172 -3.28 1.77 10.65
C TRP A 172 -1.91 1.35 11.12
N VAL A 173 -0.90 1.80 10.40
CA VAL A 173 0.49 1.48 10.72
C VAL A 173 1.25 2.79 10.89
N ALA A 174 1.98 2.92 11.98
CA ALA A 174 2.83 4.09 12.21
C ALA A 174 4.19 3.82 11.58
N ASN A 175 4.63 4.72 10.71
CA ASN A 175 5.94 4.53 10.09
C ASN A 175 6.86 5.70 10.42
N ASP A 176 7.97 5.40 11.08
CA ASP A 176 8.94 6.40 11.49
C ASP A 176 9.88 6.71 10.33
N VAL A 177 9.48 7.68 9.50
CA VAL A 177 10.22 8.07 8.32
C VAL A 177 11.52 8.79 8.65
N THR A 178 11.63 9.39 9.84
CA THR A 178 12.84 10.07 10.26
C THR A 178 13.19 9.63 11.68
N PRO A 179 14.41 9.93 12.11
CA PRO A 179 14.82 9.63 13.47
C PRO A 179 13.86 10.31 14.45
N PRO A 180 13.82 9.81 15.68
CA PRO A 180 12.96 10.31 16.72
C PRO A 180 13.06 11.80 16.97
N GLY A 181 11.90 12.45 17.05
CA GLY A 181 11.81 13.87 17.37
C GLY A 181 11.16 14.03 18.75
N LYS A 182 11.18 15.26 19.23
CA LYS A 182 10.65 15.70 20.49
C LYS A 182 9.25 15.26 20.86
N ARG A 183 8.29 15.42 19.95
CA ARG A 183 6.90 15.11 20.23
C ARG A 183 6.41 13.80 19.65
N HIS A 184 7.33 12.84 19.50
CA HIS A 184 6.94 11.54 18.95
C HIS A 184 5.86 10.85 19.75
N ALA A 185 6.03 10.69 21.07
CA ALA A 185 5.02 10.02 21.88
C ALA A 185 3.68 10.72 21.90
N GLU A 186 3.64 12.06 21.96
CA GLU A 186 2.41 12.82 21.90
C GLU A 186 1.72 12.68 20.54
N TYR A 187 2.49 12.60 19.47
CA TYR A 187 1.90 12.41 18.14
C TYR A 187 1.28 11.01 18.06
N MET A 188 2.00 9.99 18.56
CA MET A 188 1.46 8.64 18.56
C MET A 188 0.18 8.53 19.35
N THR A 189 0.10 9.18 20.53
CA THR A 189 -1.09 9.16 21.36
C THR A 189 -2.25 9.83 20.63
N THR A 190 -2.00 10.99 20.00
CA THR A 190 -3.04 11.68 19.26
C THR A 190 -3.56 10.85 18.10
N LEU A 191 -2.65 10.27 17.31
CA LEU A 191 -3.04 9.43 16.18
C LEU A 191 -3.85 8.22 16.63
N THR A 192 -3.42 7.61 17.74
CA THR A 192 -4.14 6.47 18.30
C THR A 192 -5.56 6.85 18.71
N ARG A 193 -5.75 8.00 19.36
CA ARG A 193 -7.09 8.44 19.73
C ARG A 193 -7.98 8.76 18.53
N MET A 194 -7.43 9.45 17.54
CA MET A 194 -8.21 9.95 16.43
C MET A 194 -8.49 8.99 15.30
N ILE A 195 -7.62 8.02 15.04
CA ILE A 195 -7.88 7.10 13.92
C ILE A 195 -8.76 5.98 14.41
N PRO A 196 -9.94 5.81 13.81
CA PRO A 196 -10.92 4.82 14.25
C PRO A 196 -10.65 3.41 13.75
N ALA A 197 -9.50 2.87 14.11
CA ALA A 197 -9.06 1.54 13.71
C ALA A 197 -7.85 1.20 14.58
N PRO A 198 -7.59 -0.08 14.77
CA PRO A 198 -6.47 -0.50 15.57
C PRO A 198 -5.10 -0.16 15.00
N LEU A 199 -4.21 0.26 15.91
CA LEU A 199 -2.82 0.50 15.52
C LEU A 199 -2.22 -0.90 15.38
N LEU A 200 -1.79 -1.28 14.18
CA LEU A 200 -1.27 -2.64 13.98
C LEU A 200 0.20 -2.76 14.38
N GLY A 201 0.90 -1.64 14.49
CA GLY A 201 2.32 -1.69 14.82
C GLY A 201 3.01 -0.42 14.35
N GLU A 202 4.25 -0.29 14.81
CA GLU A 202 5.08 0.87 14.50
C GLU A 202 6.42 0.41 13.94
N ILE A 203 6.75 0.88 12.74
CA ILE A 203 8.02 0.53 12.11
C ILE A 203 9.04 1.61 12.43
N PRO A 204 10.13 1.23 13.07
CA PRO A 204 11.14 2.19 13.45
C PRO A 204 11.90 2.76 12.26
N TRP A 205 12.63 3.83 12.53
CA TRP A 205 13.46 4.44 11.49
C TRP A 205 14.62 3.52 11.17
N LEU A 206 14.61 2.97 9.95
CA LEU A 206 15.63 2.04 9.48
C LEU A 206 16.29 2.63 8.25
N ALA A 207 17.36 3.38 8.46
CA ALA A 207 18.07 4.05 7.38
C ALA A 207 18.41 3.19 6.17
N GLU A 208 19.08 2.07 6.37
CA GLU A 208 19.51 1.22 5.26
C GLU A 208 18.50 0.17 4.82
N ASN A 209 18.14 0.25 3.54
CA ASN A 209 17.23 -0.64 2.86
C ASN A 209 16.17 -1.26 3.76
N PRO A 210 15.17 -0.45 4.13
CA PRO A 210 14.08 -0.88 4.99
C PRO A 210 13.13 -1.87 4.36
N GLU A 211 13.08 -1.91 3.03
CA GLU A 211 12.23 -2.81 2.27
C GLU A 211 12.64 -4.27 2.43
N ASN A 212 13.92 -4.50 2.70
CA ASN A 212 14.45 -5.85 2.91
C ASN A 212 14.83 -6.13 4.35
N ALA A 213 14.51 -5.21 5.25
CA ALA A 213 14.77 -5.40 6.68
C ALA A 213 13.76 -6.38 7.23
N ALA A 214 14.11 -7.12 8.28
CA ALA A 214 13.13 -8.05 8.89
C ALA A 214 12.22 -7.22 9.78
N THR A 215 11.09 -6.79 9.22
CA THR A 215 10.18 -5.89 9.89
C THR A 215 8.84 -6.48 10.26
N GLY A 216 8.61 -7.75 9.92
CA GLY A 216 7.36 -8.41 10.27
C GLY A 216 7.10 -8.40 11.78
N LYS A 217 8.16 -8.44 12.58
CA LYS A 217 8.06 -8.42 14.03
C LYS A 217 7.36 -7.19 14.59
N TYR A 218 7.33 -6.09 13.84
CA TYR A 218 6.69 -4.87 14.30
C TYR A 218 5.20 -4.84 14.07
N ILE A 219 4.63 -5.82 13.38
CA ILE A 219 3.20 -5.90 13.12
C ILE A 219 2.56 -6.98 13.98
N ASN A 220 1.44 -6.65 14.62
CA ASN A 220 0.69 -7.65 15.38
C ASN A 220 -0.53 -8.00 14.55
N LEU A 221 -0.42 -9.08 13.76
CA LEU A 221 -1.49 -9.48 12.87
C LEU A 221 -2.78 -9.90 13.54
N ALA A 222 -2.75 -10.24 14.84
CA ALA A 222 -3.96 -10.61 15.56
C ALA A 222 -4.89 -9.43 15.80
N LEU A 223 -4.41 -8.20 15.61
CA LEU A 223 -5.23 -7.00 15.71
C LEU A 223 -5.90 -6.66 14.40
N LEU A 224 -5.50 -7.31 13.32
CA LEU A 224 -6.04 -7.02 12.00
C LEU A 224 -7.23 -7.88 11.66
P PO4 B . 7.01 15.01 14.84
O1 PO4 B . 6.62 14.11 16.11
O2 PO4 B . 7.68 16.45 15.44
O3 PO4 B . 5.77 15.27 14.05
O4 PO4 B . 8.10 14.30 14.09
MG MG C . 5.04 2.76 -2.46
MG MG D . 6.85 5.79 -3.30
CA DPU E . -1.20 11.95 -7.18
C DPU E . -1.52 13.26 -6.42
OI1 DPU E . -0.91 14.31 -6.74
OI2 DPU E . -2.25 13.12 -5.41
CB DPU E . 0.24 11.54 -6.80
CG DPU E . 0.63 10.19 -7.41
CD DPU E . 1.98 9.60 -6.93
CE DPU E . 2.25 8.24 -7.63
CZ DPU E . 3.51 7.56 -7.17
CH DPU E . 4.83 8.31 -6.91
CS DPU E . 5.41 8.75 -8.27
N1 DPU E . 3.58 6.15 -8.11
N2 DPU E . 5.82 7.28 -6.38
CN1 DPU E . 3.61 4.96 -7.37
O12 DPU E . 3.66 3.92 -8.13
O2B DPU E . 3.67 4.19 -3.42
PB DPU E . 3.72 5.43 -4.15
O1B DPU E . 3.02 4.81 -5.74
O3B DPU E . 5.13 5.72 -4.51
O2A DPU E . 2.96 6.57 -3.45
PB ADP F . 5.37 5.19 -0.23
O1B ADP F . 4.26 5.78 0.51
O2B ADP F . 5.84 5.90 -1.46
O3B ADP F . 5.31 3.67 -0.68
PA ADP F . 8.02 4.00 0.75
O1A ADP F . 8.52 3.76 -0.65
O2A ADP F . 7.75 2.78 1.56
O3A ADP F . 6.70 5.08 0.76
O5' ADP F . 9.07 4.97 1.61
C5' ADP F . 9.40 6.30 1.03
C4' ADP F . 10.90 6.51 1.21
O4' ADP F . 11.18 6.54 2.61
C3' ADP F . 11.73 5.35 0.65
O3' ADP F . 13.02 5.80 0.14
C2' ADP F . 11.93 4.40 1.83
O2' ADP F . 13.11 3.58 1.67
C1' ADP F . 12.02 5.40 3.00
N9 ADP F . 11.48 4.74 4.26
C8 ADP F . 10.21 4.36 4.41
N7 ADP F . 10.02 3.98 5.67
C5 ADP F . 11.19 3.96 6.30
C6 ADP F . 11.54 3.64 7.61
N6 ADP F . 10.66 3.23 8.52
N1 ADP F . 12.78 4.03 7.99
C2 ADP F . 13.60 4.69 7.17
N3 ADP F . 13.35 4.82 5.86
C4 ADP F . 12.09 4.57 5.44
#